data_1H9S
#
_entry.id   1H9S
#
_cell.length_a   72.340
_cell.length_b   73.340
_cell.length_c   49.560
_cell.angle_alpha   90.00
_cell.angle_beta   90.00
_cell.angle_gamma   90.00
#
_symmetry.space_group_name_H-M   'P 41'
#
loop_
_entity.id
_entity.type
_entity.pdbx_description
1 polymer 'MOLYBDENUM TRANSPORT PROTEIN MODE'
2 polymer 'MOLYBDENUM TRANSPORT PROTEIN MODE'
3 non-polymer 'MOLYBDATE ION'
4 water water
#
loop_
_entity_poly.entity_id
_entity_poly.type
_entity_poly.pdbx_seq_one_letter_code
_entity_poly.pdbx_strand_id
1 'polypeptide(L)'
;MQTSARNQWFGTITARDHDDVQQHVDVLLADGKTRLKVAITAQSGARLGLDEGKEVLILLKAPWVGITQDEAVAQNADNQ
LPGIISHIERGAEQCEVLMALPDGQTLCATVPVNEATSLQQGQNVTAYFNADSVIIATLC
;
A
2 'polypeptide(L)'
;MQTSARNQWFGTITARDHDDVQQHVDVLLADGKTRLKVAITAQSGARLGLDEGKEVLILLKAPWVGITQDEAVAQNADNQ
LPGIISHIERGAEQCEVLMALPDGQTLCATVPVNEATSLEQGQNVTAYFNADSVIIATLC
;
B
#
# COMPACT_ATOMS: atom_id res chain seq x y z
N MET A 1 2.02 -15.22 2.97
CA MET A 1 1.32 -15.74 1.76
C MET A 1 -0.18 -15.47 1.76
N GLN A 2 -0.95 -15.38 2.84
CA GLN A 2 -2.36 -15.02 2.69
C GLN A 2 -2.49 -13.51 3.00
N THR A 3 -2.63 -12.69 1.97
CA THR A 3 -2.89 -11.26 2.24
C THR A 3 -4.00 -10.79 1.29
N SER A 4 -4.60 -9.64 1.59
CA SER A 4 -5.65 -9.14 0.71
C SER A 4 -5.03 -8.64 -0.59
N ALA A 5 -3.72 -8.32 -0.61
CA ALA A 5 -3.20 -7.78 -1.88
C ALA A 5 -3.48 -8.77 -3.03
N ARG A 6 -4.17 -8.30 -4.06
CA ARG A 6 -4.53 -9.18 -5.18
C ARG A 6 -3.38 -9.52 -6.10
N ASN A 7 -2.32 -8.73 -6.03
CA ASN A 7 -1.12 -8.99 -6.83
C ASN A 7 0.01 -9.37 -5.86
N GLN A 8 0.52 -10.59 -5.94
CA GLN A 8 1.58 -11.07 -5.06
C GLN A 8 2.59 -11.81 -5.95
N TRP A 9 3.77 -11.27 -6.10
CA TRP A 9 4.73 -11.82 -7.02
C TRP A 9 6.07 -12.13 -6.37
N PHE A 10 6.67 -13.22 -6.81
CA PHE A 10 7.99 -13.62 -6.36
C PHE A 10 9.02 -12.75 -7.09
N GLY A 11 10.11 -12.44 -6.40
CA GLY A 11 11.14 -11.64 -7.13
C GLY A 11 12.48 -11.80 -6.39
N THR A 12 13.54 -11.34 -7.03
CA THR A 12 14.87 -11.35 -6.43
C THR A 12 15.40 -9.92 -6.44
N ILE A 13 15.94 -9.45 -5.34
CA ILE A 13 16.54 -8.12 -5.26
C ILE A 13 17.81 -8.11 -6.11
N THR A 14 17.96 -7.16 -7.03
CA THR A 14 19.17 -7.17 -7.86
C THR A 14 19.97 -5.90 -7.63
N ALA A 15 19.47 -4.97 -6.79
CA ALA A 15 20.16 -3.75 -6.48
C ALA A 15 19.49 -3.01 -5.31
N ARG A 16 20.30 -2.26 -4.57
CA ARG A 16 19.76 -1.48 -3.47
C ARG A 16 20.64 -0.25 -3.23
N ASP A 17 20.04 0.90 -2.99
CA ASP A 17 20.87 2.08 -2.70
C ASP A 17 20.95 2.18 -1.18
N HIS A 18 21.75 3.10 -0.63
CA HIS A 18 21.82 3.16 0.84
C HIS A 18 21.51 4.56 1.34
N ASP A 19 20.58 5.21 0.68
CA ASP A 19 20.10 6.53 1.11
C ASP A 19 19.68 6.42 2.56
N ASP A 20 19.77 7.52 3.30
CA ASP A 20 19.52 7.61 4.72
C ASP A 20 18.19 7.21 5.35
N VAL A 21 17.11 7.70 4.75
CA VAL A 21 15.75 7.55 5.25
C VAL A 21 14.90 6.66 4.36
N GLN A 22 15.02 6.88 3.07
CA GLN A 22 14.21 6.03 2.17
C GLN A 22 15.12 5.51 1.07
N GLN A 23 15.20 4.18 0.95
CA GLN A 23 16.03 3.56 -0.08
C GLN A 23 15.22 2.91 -1.20
N HIS A 24 15.86 2.64 -2.33
CA HIS A 24 15.12 1.98 -3.43
C HIS A 24 15.85 0.69 -3.77
N VAL A 25 15.08 -0.28 -4.21
CA VAL A 25 15.62 -1.57 -4.62
C VAL A 25 15.09 -1.91 -6.00
N ASP A 26 15.88 -2.65 -6.77
CA ASP A 26 15.41 -3.19 -8.03
C ASP A 26 15.05 -4.66 -7.72
N VAL A 27 13.93 -5.10 -8.26
CA VAL A 27 13.45 -6.46 -8.06
C VAL A 27 13.18 -7.13 -9.40
N LEU A 28 13.82 -8.27 -9.65
CA LEU A 28 13.60 -9.04 -10.88
C LEU A 28 12.53 -10.08 -10.61
N LEU A 29 11.41 -10.06 -11.27
CA LEU A 29 10.32 -10.99 -11.03
C LEU A 29 10.61 -12.40 -11.57
N ALA A 30 9.70 -13.29 -11.29
CA ALA A 30 9.74 -14.71 -11.59
C ALA A 30 9.94 -15.04 -13.06
N ASP A 31 9.57 -14.13 -13.95
CA ASP A 31 9.71 -14.38 -15.39
C ASP A 31 11.15 -14.16 -15.84
N GLY A 32 12.02 -13.86 -14.90
CA GLY A 32 13.43 -13.58 -15.19
C GLY A 32 13.58 -12.37 -16.14
N LYS A 33 12.55 -11.56 -16.35
CA LYS A 33 12.61 -10.47 -17.31
C LYS A 33 12.09 -9.15 -16.75
N THR A 34 10.97 -9.19 -16.03
CA THR A 34 10.34 -7.97 -15.55
C THR A 34 11.07 -7.39 -14.35
N ARG A 35 11.41 -6.09 -14.42
CA ARG A 35 12.12 -5.47 -13.31
C ARG A 35 11.30 -4.36 -12.65
N LEU A 36 11.15 -4.40 -11.32
CA LEU A 36 10.39 -3.34 -10.67
C LEU A 36 11.34 -2.47 -9.85
N LYS A 37 10.86 -1.27 -9.53
CA LYS A 37 11.55 -0.39 -8.60
C LYS A 37 10.64 -0.27 -7.37
N VAL A 38 11.18 -0.42 -6.19
CA VAL A 38 10.42 -0.33 -4.95
C VAL A 38 11.17 0.51 -3.91
N ALA A 39 10.41 1.33 -3.22
CA ALA A 39 10.97 2.20 -2.17
C ALA A 39 10.66 1.63 -0.81
N ILE A 40 11.61 1.59 0.11
CA ILE A 40 11.34 1.15 1.45
C ILE A 40 12.15 2.07 2.41
N THR A 41 11.76 2.07 3.69
CA THR A 41 12.58 2.86 4.63
C THR A 41 13.94 2.19 4.79
N ALA A 42 14.93 2.97 5.18
CA ALA A 42 16.28 2.42 5.39
C ALA A 42 16.25 1.31 6.43
N GLN A 43 15.52 1.52 7.51
CA GLN A 43 15.37 0.53 8.57
C GLN A 43 14.85 -0.81 8.06
N SER A 44 13.87 -0.75 7.17
CA SER A 44 13.31 -1.99 6.61
C SER A 44 14.32 -2.64 5.68
N GLY A 45 15.05 -1.85 4.91
CA GLY A 45 16.03 -2.44 3.99
C GLY A 45 17.07 -3.25 4.76
N ALA A 46 17.50 -2.73 5.92
CA ALA A 46 18.45 -3.47 6.75
C ALA A 46 17.80 -4.60 7.51
N ARG A 47 16.63 -4.37 8.11
CA ARG A 47 15.91 -5.39 8.85
C ARG A 47 15.62 -6.63 8.02
N LEU A 48 15.12 -6.45 6.81
CA LEU A 48 14.81 -7.53 5.89
C LEU A 48 16.02 -8.09 5.13
N GLY A 49 17.17 -7.45 5.14
CA GLY A 49 18.35 -7.94 4.43
C GLY A 49 18.14 -7.91 2.92
N LEU A 50 17.66 -6.76 2.44
CA LEU A 50 17.30 -6.54 1.06
C LEU A 50 18.52 -6.23 0.20
N ASP A 51 19.38 -7.24 0.11
CA ASP A 51 20.62 -7.13 -0.65
C ASP A 51 20.51 -7.94 -1.95
N GLU A 52 21.46 -7.77 -2.87
CA GLU A 52 21.47 -8.52 -4.12
C GLU A 52 21.32 -10.02 -3.81
N GLY A 53 20.45 -10.69 -4.54
CA GLY A 53 20.21 -12.09 -4.37
C GLY A 53 19.08 -12.48 -3.42
N LYS A 54 18.59 -11.51 -2.65
CA LYS A 54 17.56 -11.80 -1.66
C LYS A 54 16.21 -12.08 -2.34
N GLU A 55 15.63 -13.24 -2.08
CA GLU A 55 14.32 -13.61 -2.64
C GLU A 55 13.20 -13.06 -1.78
N VAL A 56 12.17 -12.52 -2.42
CA VAL A 56 11.09 -11.90 -1.63
C VAL A 56 9.74 -12.04 -2.34
N LEU A 57 8.69 -11.52 -1.72
CA LEU A 57 7.39 -11.47 -2.35
C LEU A 57 7.01 -9.99 -2.46
N ILE A 58 6.49 -9.62 -3.61
CA ILE A 58 6.05 -8.22 -3.86
C ILE A 58 4.53 -8.21 -3.63
N LEU A 59 4.04 -7.32 -2.81
CA LEU A 59 2.60 -7.18 -2.50
C LEU A 59 2.15 -5.83 -3.08
N LEU A 60 1.18 -5.87 -3.98
CA LEU A 60 0.70 -4.66 -4.64
C LEU A 60 -0.84 -4.71 -4.58
N LYS A 61 -1.38 -3.89 -3.71
CA LYS A 61 -2.83 -3.82 -3.51
C LYS A 61 -3.48 -3.26 -4.77
N ALA A 62 -4.67 -3.81 -5.09
CA ALA A 62 -5.42 -3.48 -6.28
C ALA A 62 -5.64 -2.01 -6.55
N PRO A 63 -6.03 -1.19 -5.59
CA PRO A 63 -6.27 0.22 -5.80
C PRO A 63 -5.01 1.03 -6.09
N TRP A 64 -3.82 0.43 -5.95
CA TRP A 64 -2.57 1.13 -6.23
C TRP A 64 -2.17 1.10 -7.71
N VAL A 65 -2.91 0.32 -8.45
CA VAL A 65 -2.58 0.11 -9.88
C VAL A 65 -3.42 1.02 -10.76
N GLY A 66 -2.72 1.83 -11.56
CA GLY A 66 -3.40 2.70 -12.52
C GLY A 66 -3.43 1.97 -13.87
N ILE A 67 -4.40 2.33 -14.71
CA ILE A 67 -4.48 1.68 -16.03
C ILE A 67 -4.50 2.85 -17.04
N THR A 68 -3.65 2.77 -18.04
CA THR A 68 -3.67 3.89 -19.01
C THR A 68 -3.41 3.36 -20.42
N GLN A 69 -3.69 4.18 -21.42
CA GLN A 69 -3.30 3.82 -22.79
C GLN A 69 -2.30 4.88 -23.28
N ASP A 70 -1.98 5.84 -22.43
CA ASP A 70 -1.10 6.95 -22.75
C ASP A 70 0.37 6.63 -22.56
N GLU A 71 1.17 6.81 -23.60
CA GLU A 71 2.59 6.47 -23.52
C GLU A 71 3.30 7.31 -22.48
N ALA A 72 3.00 8.61 -22.43
CA ALA A 72 3.69 9.47 -21.46
C ALA A 72 3.39 9.05 -20.04
N VAL A 73 2.11 8.83 -19.73
CA VAL A 73 1.76 8.43 -18.37
C VAL A 73 2.51 7.14 -18.02
N ALA A 74 2.50 6.17 -18.93
CA ALA A 74 3.16 4.90 -18.59
C ALA A 74 4.66 5.12 -18.40
N GLN A 75 5.27 5.90 -19.28
CA GLN A 75 6.71 6.16 -19.18
C GLN A 75 7.09 6.94 -17.94
N ASN A 76 6.25 7.87 -17.50
CA ASN A 76 6.49 8.68 -16.33
C ASN A 76 6.41 7.90 -15.02
N ALA A 77 5.64 6.80 -15.00
CA ALA A 77 5.50 6.04 -13.76
C ALA A 77 6.78 5.27 -13.43
N ASP A 78 6.96 4.95 -12.14
CA ASP A 78 8.09 4.17 -11.68
C ASP A 78 8.10 2.75 -12.24
N ASN A 79 6.92 2.17 -12.41
CA ASN A 79 6.76 0.82 -12.92
C ASN A 79 5.61 0.79 -13.93
N GLN A 80 5.75 0.07 -15.02
CA GLN A 80 4.67 -0.05 -16.00
C GLN A 80 4.70 -1.48 -16.58
N LEU A 81 3.52 -2.09 -16.66
CA LEU A 81 3.37 -3.43 -17.19
C LEU A 81 2.30 -3.47 -18.27
N PRO A 82 2.69 -3.59 -19.53
CA PRO A 82 1.74 -3.65 -20.62
C PRO A 82 0.97 -4.97 -20.57
N GLY A 83 -0.30 -4.96 -20.96
CA GLY A 83 -1.13 -6.14 -21.03
C GLY A 83 -2.44 -5.85 -21.78
N ILE A 84 -3.34 -6.83 -21.72
CA ILE A 84 -4.64 -6.73 -22.38
C ILE A 84 -5.70 -6.96 -21.32
N ILE A 85 -6.72 -6.11 -21.28
CA ILE A 85 -7.77 -6.35 -20.28
C ILE A 85 -8.49 -7.67 -20.54
N SER A 86 -8.54 -8.59 -19.56
CA SER A 86 -9.23 -9.84 -19.77
C SER A 86 -10.65 -9.84 -19.19
N HIS A 87 -10.91 -8.90 -18.30
CA HIS A 87 -12.23 -8.89 -17.67
C HIS A 87 -12.42 -7.61 -16.88
N ILE A 88 -13.67 -7.16 -16.86
CA ILE A 88 -14.01 -5.98 -16.07
C ILE A 88 -15.30 -6.35 -15.31
N GLU A 89 -15.31 -6.01 -14.01
CA GLU A 89 -16.53 -6.17 -13.22
C GLU A 89 -16.94 -4.75 -12.78
N ARG A 90 -18.06 -4.25 -13.28
CA ARG A 90 -18.50 -2.90 -12.89
C ARG A 90 -19.28 -2.85 -11.60
N GLY A 91 -18.96 -1.88 -10.73
CA GLY A 91 -19.69 -1.78 -9.47
C GLY A 91 -20.26 -0.36 -9.37
N ALA A 92 -21.04 -0.06 -8.33
CA ALA A 92 -21.63 1.28 -8.17
C ALA A 92 -20.62 2.38 -7.91
N GLU A 93 -19.47 1.99 -7.33
CA GLU A 93 -18.45 3.00 -7.03
C GLU A 93 -17.07 2.64 -7.57
N GLN A 94 -16.82 1.35 -7.70
CA GLN A 94 -15.49 0.92 -8.17
C GLN A 94 -15.62 -0.13 -9.26
N CYS A 95 -14.56 -0.35 -10.03
CA CYS A 95 -14.60 -1.42 -11.03
C CYS A 95 -13.39 -2.31 -10.85
N GLU A 96 -13.60 -3.63 -10.98
CA GLU A 96 -12.42 -4.49 -10.91
C GLU A 96 -11.89 -4.72 -12.34
N VAL A 97 -10.62 -4.37 -12.53
CA VAL A 97 -10.08 -4.58 -13.90
C VAL A 97 -8.99 -5.63 -13.84
N LEU A 98 -9.12 -6.75 -14.55
CA LEU A 98 -8.13 -7.80 -14.61
C LEU A 98 -7.38 -7.68 -15.95
N MET A 99 -6.05 -7.83 -15.94
CA MET A 99 -5.28 -7.67 -17.16
C MET A 99 -4.37 -8.89 -17.30
N ALA A 100 -4.39 -9.49 -18.48
CA ALA A 100 -3.51 -10.65 -18.70
C ALA A 100 -2.08 -10.12 -18.88
N LEU A 101 -1.13 -10.77 -18.23
CA LEU A 101 0.28 -10.54 -18.26
C LEU A 101 0.89 -11.80 -18.90
N PRO A 102 2.12 -11.71 -19.34
CA PRO A 102 2.82 -12.85 -19.89
C PRO A 102 2.85 -14.00 -18.88
N ASP A 103 3.00 -15.21 -19.45
CA ASP A 103 3.11 -16.42 -18.65
C ASP A 103 1.93 -16.61 -17.70
N GLY A 104 0.74 -16.56 -18.28
CA GLY A 104 -0.51 -16.87 -17.63
C GLY A 104 -0.86 -16.11 -16.37
N GLN A 105 -0.31 -14.94 -16.16
CA GLN A 105 -0.66 -14.17 -14.97
C GLN A 105 -1.77 -13.16 -15.25
N THR A 106 -2.39 -12.77 -14.14
CA THR A 106 -3.50 -11.81 -14.18
C THR A 106 -3.20 -10.76 -13.11
N LEU A 107 -3.07 -9.52 -13.59
CA LEU A 107 -2.90 -8.41 -12.65
C LEU A 107 -4.29 -7.91 -12.29
N CYS A 108 -4.55 -7.48 -11.04
CA CYS A 108 -5.86 -6.97 -10.69
C CYS A 108 -5.79 -5.51 -10.24
N ALA A 109 -6.65 -4.68 -10.84
CA ALA A 109 -6.69 -3.28 -10.43
C ALA A 109 -8.11 -2.93 -10.00
N THR A 110 -8.23 -2.08 -8.99
CA THR A 110 -9.52 -1.51 -8.59
C THR A 110 -9.55 -0.04 -9.01
N VAL A 111 -10.38 0.31 -9.99
CA VAL A 111 -10.43 1.66 -10.56
C VAL A 111 -11.77 2.34 -10.26
N PRO A 112 -11.79 3.61 -9.89
CA PRO A 112 -13.07 4.28 -9.58
C PRO A 112 -13.99 4.17 -10.79
N VAL A 113 -15.24 3.87 -10.51
CA VAL A 113 -16.20 3.59 -11.57
C VAL A 113 -16.25 4.72 -12.60
N ASN A 114 -16.20 5.97 -12.17
CA ASN A 114 -16.30 7.04 -13.17
C ASN A 114 -15.01 7.21 -13.95
N GLU A 115 -13.95 6.46 -13.65
CA GLU A 115 -12.71 6.58 -14.41
C GLU A 115 -12.51 5.35 -15.28
N ALA A 116 -13.41 4.38 -15.20
CA ALA A 116 -13.24 3.15 -15.97
C ALA A 116 -14.29 2.99 -17.06
N THR A 117 -15.09 4.03 -17.34
CA THR A 117 -16.13 3.87 -18.35
C THR A 117 -15.55 3.63 -19.75
N SER A 118 -14.33 4.09 -20.03
CA SER A 118 -13.76 3.86 -21.35
C SER A 118 -12.94 2.57 -21.40
N LEU A 119 -12.74 1.93 -20.25
CA LEU A 119 -11.98 0.67 -20.22
C LEU A 119 -12.89 -0.45 -20.68
N GLN A 120 -12.37 -1.38 -21.46
CA GLN A 120 -13.19 -2.48 -21.94
C GLN A 120 -12.32 -3.74 -22.10
N GLN A 121 -12.92 -4.90 -21.87
CA GLN A 121 -12.16 -6.14 -22.06
C GLN A 121 -11.62 -6.15 -23.51
N GLY A 122 -10.41 -6.64 -23.68
CA GLY A 122 -9.80 -6.75 -25.00
C GLY A 122 -8.92 -5.59 -25.39
N GLN A 123 -8.93 -4.51 -24.59
CA GLN A 123 -8.07 -3.37 -24.94
C GLN A 123 -6.64 -3.64 -24.48
N ASN A 124 -5.69 -3.11 -25.25
CA ASN A 124 -4.28 -3.14 -24.94
C ASN A 124 -4.01 -1.91 -24.06
N VAL A 125 -3.55 -2.16 -22.84
CA VAL A 125 -3.34 -1.07 -21.89
C VAL A 125 -2.00 -1.31 -21.18
N THR A 126 -1.66 -0.36 -20.35
CA THR A 126 -0.45 -0.47 -19.52
C THR A 126 -0.86 -0.24 -18.06
N ALA A 127 -0.46 -1.15 -17.21
CA ALA A 127 -0.73 -0.99 -15.77
C ALA A 127 0.49 -0.28 -15.17
N TYR A 128 0.27 0.60 -14.19
CA TYR A 128 1.43 1.33 -13.70
C TYR A 128 1.23 1.64 -12.23
N PHE A 129 2.38 1.85 -11.54
CA PHE A 129 2.24 2.14 -10.11
C PHE A 129 3.54 2.73 -9.59
N ASN A 130 3.43 3.40 -8.45
CA ASN A 130 4.66 3.99 -7.89
C ASN A 130 5.62 3.00 -7.22
N ALA A 131 6.89 3.36 -7.06
CA ALA A 131 7.80 2.52 -6.28
C ALA A 131 7.35 2.42 -4.84
N ASP A 132 6.80 3.53 -4.31
CA ASP A 132 6.38 3.55 -2.91
C ASP A 132 4.98 2.98 -2.68
N SER A 133 4.41 2.29 -3.65
CA SER A 133 3.11 1.66 -3.48
C SER A 133 3.25 0.14 -3.19
N VAL A 134 4.47 -0.35 -3.25
CA VAL A 134 4.70 -1.80 -3.04
C VAL A 134 5.22 -2.14 -1.68
N ILE A 135 4.74 -3.22 -1.07
CA ILE A 135 5.32 -3.69 0.20
C ILE A 135 6.19 -4.89 -0.16
N ILE A 136 7.35 -5.04 0.47
CA ILE A 136 8.16 -6.25 0.19
C ILE A 136 7.97 -7.18 1.39
N ALA A 137 7.67 -8.47 1.17
CA ALA A 137 7.50 -9.41 2.25
C ALA A 137 8.51 -10.55 2.03
N THR A 138 9.02 -11.05 3.15
CA THR A 138 10.09 -12.06 3.10
C THR A 138 9.50 -13.42 2.80
N GLN B 2 6.72 -11.15 8.12
CA GLN B 2 7.78 -10.14 8.06
C GLN B 2 7.70 -9.37 6.73
N THR B 3 7.31 -8.10 6.83
CA THR B 3 7.21 -7.31 5.61
C THR B 3 7.91 -5.97 5.85
N SER B 4 8.13 -5.25 4.75
CA SER B 4 8.74 -3.94 4.85
C SER B 4 7.82 -2.92 5.48
N ALA B 5 6.51 -3.16 5.57
CA ALA B 5 5.66 -2.15 6.19
C ALA B 5 6.11 -1.87 7.61
N ARG B 6 6.42 -0.57 7.86
CA ARG B 6 6.87 -0.22 9.21
C ARG B 6 5.73 -0.21 10.22
N ASN B 7 4.46 -0.21 9.79
CA ASN B 7 3.35 -0.26 10.77
C ASN B 7 2.65 -1.59 10.55
N GLN B 8 2.80 -2.50 11.51
CA GLN B 8 2.21 -3.85 11.37
C GLN B 8 1.41 -4.00 12.65
N TRP B 9 0.10 -3.88 12.60
CA TRP B 9 -0.71 -3.86 13.80
C TRP B 9 -1.70 -5.03 13.82
N PHE B 10 -1.67 -5.79 14.91
CA PHE B 10 -2.59 -6.92 15.03
C PHE B 10 -3.96 -6.33 15.36
N GLY B 11 -5.01 -6.94 14.82
CA GLY B 11 -6.33 -6.40 15.15
C GLY B 11 -7.38 -7.50 14.86
N THR B 12 -8.63 -7.10 14.93
CA THR B 12 -9.75 -8.00 14.72
C THR B 12 -10.86 -7.34 13.93
N ILE B 13 -11.43 -8.09 12.99
CA ILE B 13 -12.55 -7.58 12.22
C ILE B 13 -13.78 -7.44 13.13
N THR B 14 -14.41 -6.25 13.09
CA THR B 14 -15.64 -6.05 13.83
C THR B 14 -16.85 -5.98 12.92
N ALA B 15 -16.67 -5.63 11.65
CA ALA B 15 -17.77 -5.55 10.70
C ALA B 15 -17.29 -5.63 9.25
N ARG B 16 -18.15 -6.06 8.35
CA ARG B 16 -17.84 -6.13 6.94
C ARG B 16 -19.05 -5.89 6.03
N ASP B 17 -18.90 -5.05 5.01
CA ASP B 17 -20.04 -4.77 4.13
C ASP B 17 -20.06 -5.83 3.04
N HIS B 18 -21.06 -5.79 2.15
CA HIS B 18 -21.11 -6.89 1.17
C HIS B 18 -21.21 -6.39 -0.25
N ASP B 19 -20.58 -5.26 -0.50
CA ASP B 19 -20.52 -4.68 -1.84
C ASP B 19 -19.80 -5.65 -2.77
N ASP B 20 -20.17 -5.67 -4.05
CA ASP B 20 -19.70 -6.60 -5.03
C ASP B 20 -18.30 -6.47 -5.62
N VAL B 21 -17.70 -5.31 -5.55
CA VAL B 21 -16.36 -5.14 -6.18
C VAL B 21 -15.33 -4.76 -5.12
N GLN B 22 -15.70 -3.77 -4.32
CA GLN B 22 -14.81 -3.30 -3.24
C GLN B 22 -15.64 -3.19 -1.96
N GLN B 23 -15.24 -3.92 -0.93
CA GLN B 23 -15.90 -3.96 0.35
C GLN B 23 -15.10 -3.25 1.44
N HIS B 24 -15.81 -2.83 2.47
CA HIS B 24 -15.12 -2.19 3.60
C HIS B 24 -15.28 -3.08 4.82
N VAL B 25 -14.25 -3.08 5.67
CA VAL B 25 -14.29 -3.74 6.96
C VAL B 25 -13.85 -2.69 8.02
N ASP B 26 -14.35 -2.96 9.23
CA ASP B 26 -13.98 -2.20 10.41
C ASP B 26 -13.03 -3.12 11.17
N VAL B 27 -11.94 -2.54 11.66
CA VAL B 27 -10.95 -3.30 12.41
C VAL B 27 -10.67 -2.62 13.75
N LEU B 28 -10.71 -3.41 14.82
CA LEU B 28 -10.35 -2.88 16.13
C LEU B 28 -8.92 -3.33 16.41
N LEU B 29 -7.99 -2.44 16.72
CA LEU B 29 -6.60 -2.87 16.94
C LEU B 29 -6.41 -3.58 18.28
N ALA B 30 -5.33 -4.36 18.42
CA ALA B 30 -5.12 -5.07 19.68
C ALA B 30 -5.02 -4.15 20.89
N ASP B 31 -4.84 -2.85 20.73
CA ASP B 31 -4.76 -1.97 21.90
C ASP B 31 -6.18 -1.86 22.50
N GLY B 32 -7.14 -2.40 21.75
CA GLY B 32 -8.53 -2.39 22.18
C GLY B 32 -9.23 -1.05 22.08
N LYS B 33 -8.67 -0.06 21.39
CA LYS B 33 -9.31 1.23 21.27
C LYS B 33 -9.25 1.79 19.84
N THR B 34 -8.14 1.55 19.16
CA THR B 34 -7.97 2.13 17.82
C THR B 34 -8.82 1.41 16.80
N ARG B 35 -9.71 2.17 16.15
CA ARG B 35 -10.57 1.60 15.12
C ARG B 35 -10.07 2.01 13.74
N LEU B 36 -10.11 1.11 12.76
CA LEU B 36 -9.70 1.48 11.41
C LEU B 36 -10.79 1.08 10.41
N LYS B 37 -10.81 1.75 9.28
CA LYS B 37 -11.73 1.41 8.19
C LYS B 37 -10.78 0.98 7.05
N VAL B 38 -10.96 -0.17 6.46
CA VAL B 38 -10.08 -0.70 5.44
C VAL B 38 -10.91 -1.18 4.24
N ALA B 39 -10.41 -0.90 3.03
CA ALA B 39 -11.14 -1.38 1.85
C ALA B 39 -10.34 -2.50 1.19
N ILE B 40 -10.98 -3.56 0.70
CA ILE B 40 -10.36 -4.70 0.08
C ILE B 40 -11.30 -5.16 -1.06
N THR B 41 -10.77 -5.87 -2.05
CA THR B 41 -11.67 -6.35 -3.10
C THR B 41 -12.64 -7.38 -2.51
N ALA B 42 -13.80 -7.56 -3.17
CA ALA B 42 -14.76 -8.53 -2.67
C ALA B 42 -14.18 -9.93 -2.62
N GLN B 43 -13.35 -10.26 -3.63
CA GLN B 43 -12.77 -11.60 -3.65
C GLN B 43 -11.91 -11.82 -2.43
N SER B 44 -11.17 -10.75 -2.06
CA SER B 44 -10.28 -10.86 -0.93
C SER B 44 -11.07 -11.01 0.37
N GLY B 45 -12.13 -10.24 0.57
CA GLY B 45 -12.89 -10.36 1.83
C GLY B 45 -13.38 -11.81 2.00
N ALA B 46 -13.74 -12.46 0.87
CA ALA B 46 -14.23 -13.83 0.97
C ALA B 46 -13.11 -14.83 1.23
N ARG B 47 -12.07 -14.68 0.42
CA ARG B 47 -10.89 -15.53 0.45
C ARG B 47 -10.23 -15.53 1.82
N LEU B 48 -10.13 -14.35 2.44
CA LEU B 48 -9.54 -14.24 3.76
C LEU B 48 -10.55 -14.55 4.88
N GLY B 49 -11.82 -14.70 4.54
CA GLY B 49 -12.86 -14.91 5.57
C GLY B 49 -12.91 -13.74 6.55
N LEU B 50 -13.05 -12.52 6.04
CA LEU B 50 -13.03 -11.33 6.88
C LEU B 50 -14.38 -10.99 7.46
N ASP B 51 -14.77 -11.81 8.43
CA ASP B 51 -16.04 -11.72 9.11
C ASP B 51 -15.78 -11.35 10.58
N GLU B 52 -16.79 -10.83 11.24
CA GLU B 52 -16.66 -10.44 12.63
C GLU B 52 -15.91 -11.49 13.44
N GLY B 53 -14.87 -11.04 14.15
CA GLY B 53 -14.08 -11.88 15.03
C GLY B 53 -12.79 -12.40 14.40
N LYS B 54 -12.67 -12.22 13.09
CA LYS B 54 -11.45 -12.68 12.42
C LYS B 54 -10.25 -11.87 12.86
N GLU B 55 -9.24 -12.55 13.40
CA GLU B 55 -7.98 -11.91 13.75
C GLU B 55 -7.15 -11.60 12.52
N VAL B 56 -6.56 -10.40 12.42
CA VAL B 56 -5.79 -10.08 11.22
C VAL B 56 -4.55 -9.25 11.58
N LEU B 57 -3.69 -9.08 10.59
CA LEU B 57 -2.50 -8.23 10.80
C LEU B 57 -2.66 -7.08 9.76
N ILE B 58 -2.68 -5.85 10.23
CA ILE B 58 -2.83 -4.70 9.32
C ILE B 58 -1.45 -4.28 8.82
N LEU B 59 -1.28 -4.06 7.53
CA LEU B 59 0.03 -3.66 7.01
C LEU B 59 -0.12 -2.25 6.40
N LEU B 60 0.51 -1.26 7.03
CA LEU B 60 0.41 0.11 6.58
C LEU B 60 1.80 0.65 6.26
N LYS B 61 2.13 0.70 4.98
CA LYS B 61 3.48 1.17 4.58
C LYS B 61 3.71 2.62 5.01
N ALA B 62 4.94 2.95 5.40
CA ALA B 62 5.23 4.29 5.89
C ALA B 62 4.82 5.43 4.97
N PRO B 63 5.07 5.41 3.69
CA PRO B 63 4.68 6.53 2.84
C PRO B 63 3.17 6.66 2.66
N TRP B 64 2.37 5.70 3.09
CA TRP B 64 0.90 5.88 2.91
C TRP B 64 0.31 6.65 4.09
N VAL B 65 1.15 7.01 5.06
CA VAL B 65 0.65 7.74 6.23
C VAL B 65 1.02 9.23 6.14
N GLY B 66 0.07 10.13 6.23
CA GLY B 66 0.36 11.55 6.26
C GLY B 66 0.44 12.00 7.73
N ILE B 67 1.06 13.15 7.97
CA ILE B 67 1.14 13.68 9.34
C ILE B 67 0.64 15.12 9.21
N THR B 68 -0.42 15.49 9.91
CA THR B 68 -0.95 16.81 9.72
C THR B 68 -1.27 17.53 11.05
N GLN B 69 -1.19 18.84 10.97
CA GLN B 69 -1.59 19.71 12.07
C GLN B 69 -2.91 20.37 11.68
N ASP B 70 -3.47 20.01 10.53
CA ASP B 70 -4.71 20.57 10.03
C ASP B 70 -5.89 19.63 10.30
N GLU B 71 -6.76 20.03 11.23
CA GLU B 71 -7.86 19.15 11.64
C GLU B 71 -8.77 18.81 10.48
N ALA B 72 -8.97 19.72 9.52
CA ALA B 72 -9.81 19.35 8.38
C ALA B 72 -9.18 18.24 7.53
N VAL B 73 -7.86 18.29 7.36
CA VAL B 73 -7.21 17.24 6.55
C VAL B 73 -7.43 15.90 7.23
N ALA B 74 -7.18 15.90 8.53
CA ALA B 74 -7.39 14.66 9.31
C ALA B 74 -8.85 14.23 9.21
N GLN B 75 -9.81 15.15 9.36
CA GLN B 75 -11.22 14.75 9.29
C GLN B 75 -11.67 14.34 7.90
N ASN B 76 -11.03 14.73 6.82
CA ASN B 76 -11.35 14.34 5.48
C ASN B 76 -10.86 12.91 5.18
N ALA B 77 -9.86 12.46 5.93
CA ALA B 77 -9.33 11.12 5.66
C ALA B 77 -10.24 10.05 6.24
N ASP B 78 -10.03 8.81 5.75
CA ASP B 78 -10.80 7.68 6.23
C ASP B 78 -10.34 7.30 7.63
N ASN B 79 -9.06 7.43 7.93
CA ASN B 79 -8.54 7.05 9.24
C ASN B 79 -7.74 8.17 9.89
N GLN B 80 -7.92 8.39 11.18
CA GLN B 80 -7.19 9.44 11.87
C GLN B 80 -6.65 8.93 13.18
N LEU B 81 -5.37 9.09 13.45
CA LEU B 81 -4.78 8.63 14.69
C LEU B 81 -4.02 9.78 15.33
N PRO B 82 -4.66 10.52 16.23
CA PRO B 82 -3.99 11.61 16.92
C PRO B 82 -2.78 11.06 17.64
N GLY B 83 -1.72 11.83 17.83
CA GLY B 83 -0.57 11.40 18.61
C GLY B 83 0.40 12.57 18.80
N ILE B 84 1.56 12.24 19.33
CA ILE B 84 2.61 13.19 19.61
C ILE B 84 3.90 12.82 18.94
N ILE B 85 4.52 13.73 18.18
CA ILE B 85 5.76 13.38 17.47
C ILE B 85 6.88 13.03 18.42
N SER B 86 7.44 11.81 18.33
CA SER B 86 8.52 11.44 19.24
C SER B 86 9.91 11.62 18.65
N HIS B 87 9.99 11.59 17.33
CA HIS B 87 11.28 11.74 16.67
C HIS B 87 11.11 12.06 15.20
N ILE B 88 12.06 12.85 14.69
CA ILE B 88 12.06 13.24 13.30
C ILE B 88 13.49 13.10 12.78
N GLU B 89 13.58 12.40 11.66
CA GLU B 89 14.86 12.21 10.98
C GLU B 89 14.72 12.81 9.58
N ARG B 90 15.41 13.90 9.28
CA ARG B 90 15.24 14.53 7.98
C ARG B 90 16.28 14.14 6.95
N GLY B 91 15.82 13.52 5.86
CA GLY B 91 16.76 13.15 4.79
C GLY B 91 16.75 14.26 3.74
N ALA B 92 17.47 14.04 2.65
CA ALA B 92 17.53 15.01 1.56
C ALA B 92 16.19 15.17 0.86
N GLU B 93 15.52 14.03 0.67
CA GLU B 93 14.23 14.04 -0.02
C GLU B 93 13.06 13.63 0.89
N GLN B 94 13.31 12.77 1.87
CA GLN B 94 12.21 12.31 2.73
C GLN B 94 12.57 12.47 4.20
N CYS B 95 11.53 12.43 5.02
CA CYS B 95 11.61 12.55 6.45
C CYS B 95 11.01 11.34 7.16
N GLU B 96 11.65 10.77 8.15
CA GLU B 96 10.94 9.72 8.91
C GLU B 96 10.39 10.37 10.19
N VAL B 97 9.08 10.36 10.33
CA VAL B 97 8.39 10.92 11.47
C VAL B 97 7.88 9.75 12.33
N LEU B 98 8.35 9.69 13.56
CA LEU B 98 7.91 8.67 14.49
C LEU B 98 6.92 9.37 15.43
N MET B 99 5.78 8.71 15.60
CA MET B 99 4.72 9.32 16.40
C MET B 99 4.25 8.37 17.48
N ALA B 100 4.28 8.90 18.71
CA ALA B 100 3.83 8.10 19.83
C ALA B 100 2.31 8.08 19.85
N LEU B 101 1.76 6.88 19.84
CA LEU B 101 0.30 6.74 19.94
C LEU B 101 0.01 6.76 21.44
N PRO B 102 -1.23 7.00 21.83
CA PRO B 102 -1.61 7.09 23.22
C PRO B 102 -1.22 5.91 24.08
N ASP B 103 -1.13 4.72 23.53
CA ASP B 103 -0.78 3.51 24.25
C ASP B 103 0.73 3.28 24.36
N GLY B 104 1.50 4.22 23.82
CA GLY B 104 2.95 4.08 23.81
C GLY B 104 3.47 3.42 22.54
N GLN B 105 2.64 2.83 21.68
CA GLN B 105 3.22 2.22 20.46
C GLN B 105 3.79 3.34 19.59
N THR B 106 4.64 3.02 18.61
CA THR B 106 5.22 4.03 17.74
C THR B 106 4.76 3.89 16.29
N LEU B 107 4.11 4.91 15.74
CA LEU B 107 3.71 4.85 14.31
C LEU B 107 4.88 5.40 13.48
N CYS B 108 5.04 4.95 12.22
CA CYS B 108 6.12 5.50 11.40
C CYS B 108 5.56 6.01 10.08
N ALA B 109 5.87 7.25 9.69
CA ALA B 109 5.48 7.80 8.42
C ALA B 109 6.72 8.29 7.67
N THR B 110 6.71 8.13 6.34
CA THR B 110 7.77 8.66 5.49
C THR B 110 7.11 9.87 4.81
N VAL B 111 7.55 11.09 5.11
CA VAL B 111 6.91 12.28 4.56
C VAL B 111 7.88 13.13 3.74
N PRO B 112 7.50 13.60 2.56
CA PRO B 112 8.34 14.43 1.73
C PRO B 112 8.93 15.56 2.57
N VAL B 113 10.21 15.84 2.43
CA VAL B 113 10.86 16.84 3.29
C VAL B 113 10.12 18.18 3.31
N ASN B 114 9.59 18.60 2.18
CA ASN B 114 8.92 19.89 2.08
C ASN B 114 7.59 19.90 2.84
N GLU B 115 7.09 18.72 3.19
CA GLU B 115 5.81 18.70 3.93
C GLU B 115 6.04 18.58 5.43
N ALA B 116 7.28 18.55 5.89
CA ALA B 116 7.59 18.38 7.29
C ALA B 116 8.32 19.56 7.94
N THR B 117 8.32 20.70 7.24
CA THR B 117 9.06 21.84 7.74
C THR B 117 8.50 22.41 9.03
N SER B 118 7.20 22.34 9.29
CA SER B 118 6.72 22.93 10.54
C SER B 118 6.69 21.87 11.64
N LEU B 119 6.90 20.61 11.26
CA LEU B 119 6.83 19.56 12.28
C LEU B 119 8.03 19.54 13.20
N GLU B 120 7.78 19.36 14.51
CA GLU B 120 8.84 19.25 15.49
C GLU B 120 8.48 18.25 16.60
N GLN B 121 9.49 17.55 17.13
CA GLN B 121 9.23 16.64 18.24
C GLN B 121 8.45 17.33 19.37
N GLY B 122 7.53 16.62 20.00
CA GLY B 122 6.70 17.14 21.08
C GLY B 122 5.38 17.74 20.59
N GLN B 123 5.22 17.92 19.29
CA GLN B 123 3.99 18.51 18.77
C GLN B 123 2.83 17.51 18.69
N ASN B 124 1.64 18.07 18.88
CA ASN B 124 0.43 17.25 18.76
C ASN B 124 0.06 17.22 17.27
N VAL B 125 -0.01 16.03 16.70
CA VAL B 125 -0.36 15.94 15.28
C VAL B 125 -1.38 14.83 15.07
N THR B 126 -1.80 14.64 13.81
CA THR B 126 -2.71 13.54 13.54
C THR B 126 -2.16 12.71 12.36
N ALA B 127 -2.03 11.41 12.58
CA ALA B 127 -1.55 10.56 11.47
C ALA B 127 -2.78 10.22 10.64
N TYR B 128 -2.76 10.21 9.32
CA TYR B 128 -4.01 9.89 8.60
C TYR B 128 -3.73 9.09 7.35
N PHE B 129 -4.70 8.28 6.93
CA PHE B 129 -4.52 7.49 5.71
C PHE B 129 -5.87 7.01 5.21
N ASN B 130 -5.93 6.65 3.94
CA ASN B 130 -7.22 6.14 3.47
C ASN B 130 -7.40 4.63 3.69
N ALA B 131 -8.68 4.24 3.57
CA ALA B 131 -9.04 2.85 3.80
C ALA B 131 -8.38 1.95 2.75
N ASP B 132 -8.25 2.52 1.55
CA ASP B 132 -7.67 1.68 0.48
C ASP B 132 -6.16 1.71 0.47
N SER B 133 -5.55 2.28 1.50
CA SER B 133 -4.10 2.31 1.61
C SER B 133 -3.67 1.21 2.59
N VAL B 134 -4.52 0.30 3.01
CA VAL B 134 -4.04 -0.70 3.97
C VAL B 134 -4.13 -2.10 3.38
N ILE B 135 -3.20 -3.01 3.70
CA ILE B 135 -3.35 -4.41 3.27
C ILE B 135 -3.70 -5.25 4.49
N ILE B 136 -4.63 -6.19 4.41
CA ILE B 136 -4.94 -7.10 5.52
C ILE B 136 -4.22 -8.41 5.26
N ALA B 137 -3.54 -8.90 6.31
CA ALA B 137 -2.82 -10.17 6.20
C ALA B 137 -3.35 -11.11 7.27
N THR B 138 -3.30 -12.42 6.97
CA THR B 138 -3.75 -13.32 8.07
C THR B 138 -2.49 -13.92 8.67
#